data_7XQS
#
_entry.id   7XQS
#
_cell.length_a   54.292
_cell.length_b   70.829
_cell.length_c   121.347
_cell.angle_alpha   90.000
_cell.angle_beta   90.000
_cell.angle_gamma   90.000
#
_symmetry.space_group_name_H-M   'P 21 21 21'
#
loop_
_entity.id
_entity.type
_entity.pdbx_description
1 polymer 'MHC class I antigen alpha chain'
2 polymer Beta-2-microglobulin
3 polymer 'peptide from Spike glycoprotein'
4 water water
#
loop_
_entity_poly.entity_id
_entity_poly.type
_entity_poly.pdbx_seq_one_letter_code
_entity_poly.pdbx_strand_id
1 'polypeptide(L)'
;GSHSLRYFHTAMSRPGLGEPRFISVGYVDNTQFVRFDSDAPNPKMEPRAPWVEQVGPEYWDEETRNAKDNAQNFRVNLQT
VLRYYNQSESGSHSLQRMYGCDVGPDGCLLRGYSQVSYDGKDYISLNKDLRSWTAADTAAQITRLKWEEAGVAEQERNYL
EGTCVEWLAKYLDMGKETLLRAESPNTRMTRHPISDREVTLRCWALGFYPAEITLTWQRDGQDHTQDAELVETRPAGDGT
FQKWAAVVVPSGEEQRYTCHVQHEGLPEPITLRW
;
A
2 'polypeptide(L)'
;MARFVVLVLLGLLYLSHLDAVQHSPKVQVYSRHPAENGKPNFLNCYVSGFHPPQIDITLMKNGKKMEAEQTDLSFNRDWT
FYLLVHTEFTPTVEDEYSCQVNHTTLSEPKVVKWDRDM
;
B
3 'polypeptide(L)' RSFIEDLLF C
#
# COMPACT_ATOMS: atom_id res chain seq x y z
N GLY A 1 -1.39 13.67 16.40
CA GLY A 1 -0.38 12.68 16.78
C GLY A 1 0.96 12.87 16.09
N SER A 2 1.37 11.87 15.31
CA SER A 2 2.57 11.95 14.47
C SER A 2 2.14 11.73 13.03
N HIS A 3 2.84 12.36 12.08
CA HIS A 3 2.38 12.26 10.71
C HIS A 3 3.55 12.24 9.75
N SER A 4 3.24 11.86 8.51
CA SER A 4 4.25 11.68 7.49
C SER A 4 3.69 11.95 6.09
N LEU A 5 4.45 12.68 5.30
CA LEU A 5 4.23 12.88 3.89
C LEU A 5 5.28 12.07 3.12
N ARG A 6 4.84 11.20 2.22
CA ARG A 6 5.73 10.39 1.41
C ARG A 6 5.29 10.32 -0.06
N TYR A 7 6.27 10.05 -0.93
CA TYR A 7 6.08 9.88 -2.37
C TYR A 7 6.73 8.59 -2.83
N PHE A 8 6.05 7.87 -3.71
CA PHE A 8 6.46 6.54 -4.13
C PHE A 8 6.48 6.49 -5.65
N HIS A 9 7.67 6.32 -6.23
CA HIS A 9 7.85 6.24 -7.67
C HIS A 9 8.16 4.81 -8.09
N THR A 10 7.71 4.44 -9.28
CA THR A 10 8.01 3.13 -9.83
C THR A 10 8.29 3.25 -11.32
N ALA A 11 9.37 2.64 -11.78
CA ALA A 11 9.74 2.61 -13.19
C ALA A 11 9.88 1.16 -13.63
N MET A 12 9.13 0.75 -14.66
CA MET A 12 9.14 -0.62 -15.17
C MET A 12 9.47 -0.63 -16.65
N SER A 13 10.46 -1.44 -17.02
CA SER A 13 10.81 -1.66 -18.41
C SER A 13 9.88 -2.70 -19.03
N ARG A 14 9.35 -2.37 -20.22
CA ARG A 14 8.48 -3.25 -21.01
C ARG A 14 9.17 -3.50 -22.34
N PRO A 15 10.06 -4.49 -22.39
CA PRO A 15 10.97 -4.62 -23.55
C PRO A 15 10.23 -4.78 -24.88
N GLY A 16 10.64 -3.96 -25.87
CA GLY A 16 9.99 -3.90 -27.17
C GLY A 16 8.81 -2.97 -27.23
N LEU A 17 8.22 -2.62 -26.09
CA LEU A 17 6.92 -1.92 -26.03
C LEU A 17 7.08 -0.45 -25.65
N GLY A 18 7.98 0.23 -26.37
CA GLY A 18 8.04 1.69 -26.30
C GLY A 18 8.70 2.16 -25.02
N GLU A 19 8.03 3.09 -24.32
CA GLU A 19 8.67 3.64 -23.15
C GLU A 19 8.41 2.78 -21.92
N PRO A 20 9.28 2.86 -20.93
CA PRO A 20 8.94 2.31 -19.62
C PRO A 20 7.83 3.11 -18.94
N ARG A 21 7.01 2.39 -18.18
CA ARG A 21 6.01 2.98 -17.33
C ARG A 21 6.65 3.66 -16.12
N PHE A 22 6.15 4.85 -15.77
CA PHE A 22 6.55 5.54 -14.55
C PHE A 22 5.29 5.95 -13.78
N ILE A 23 4.93 5.19 -12.72
CA ILE A 23 3.82 5.55 -11.85
C ILE A 23 4.37 6.37 -10.70
N SER A 24 3.57 7.30 -10.20
CA SER A 24 3.94 8.08 -9.02
C SER A 24 2.71 8.29 -8.16
N VAL A 25 2.86 8.18 -6.83
CA VAL A 25 1.75 8.38 -5.91
C VAL A 25 2.22 9.13 -4.67
N GLY A 26 1.31 9.88 -4.09
CA GLY A 26 1.59 10.65 -2.89
C GLY A 26 0.71 10.17 -1.75
N TYR A 27 1.28 10.14 -0.55
CA TYR A 27 0.52 9.79 0.64
C TYR A 27 0.73 10.85 1.70
N VAL A 28 -0.35 11.22 2.38
CA VAL A 28 -0.25 11.76 3.72
C VAL A 28 -0.75 10.64 4.61
N ASP A 29 0.11 10.21 5.54
CA ASP A 29 -0.13 9.02 6.35
C ASP A 29 -0.61 7.84 5.51
N ASN A 30 -1.82 7.36 5.75
CA ASN A 30 -2.36 6.16 5.10
C ASN A 30 -3.30 6.50 3.96
N THR A 31 -3.52 7.77 3.65
CA THR A 31 -4.49 8.13 2.62
C THR A 31 -3.75 8.63 1.38
N GLN A 32 -3.98 7.96 0.26
CA GLN A 32 -3.40 8.42 -1.01
C GLN A 32 -4.08 9.72 -1.40
N PHE A 33 -3.30 10.62 -1.99
CA PHE A 33 -3.90 11.86 -2.42
C PHE A 33 -3.42 12.37 -3.77
N VAL A 34 -2.52 11.66 -4.47
CA VAL A 34 -1.99 12.11 -5.76
C VAL A 34 -1.57 10.88 -6.56
N ARG A 35 -1.58 10.98 -7.90
CA ARG A 35 -1.09 9.90 -8.77
C ARG A 35 -0.63 10.47 -10.12
N PHE A 36 0.25 9.72 -10.78
CA PHE A 36 0.72 10.04 -12.13
C PHE A 36 1.13 8.77 -12.86
N ASP A 37 0.46 8.47 -13.98
CA ASP A 37 0.78 7.34 -14.85
C ASP A 37 1.36 7.87 -16.17
N SER A 38 2.47 7.28 -16.63
CA SER A 38 3.03 7.68 -17.92
C SER A 38 2.32 6.99 -19.09
N ASP A 39 1.32 6.14 -18.80
CA ASP A 39 0.44 5.53 -19.79
C ASP A 39 -0.85 6.32 -19.98
N ALA A 40 -0.81 7.63 -19.80
CA ALA A 40 -2.05 8.40 -19.81
C ALA A 40 -1.97 9.48 -20.90
N PRO A 41 -3.07 9.70 -21.62
CA PRO A 41 -3.06 10.69 -22.70
C PRO A 41 -3.04 12.08 -22.11
N ASN A 42 -2.15 12.92 -22.63
CA ASN A 42 -1.95 14.25 -22.07
C ASN A 42 -1.86 14.15 -20.55
N PRO A 43 -0.91 13.36 -20.02
CA PRO A 43 -1.01 12.86 -18.64
C PRO A 43 -0.58 13.93 -17.63
N LYS A 44 -1.47 14.19 -16.67
CA LYS A 44 -1.21 15.12 -15.58
C LYS A 44 -1.37 14.38 -14.26
N MET A 45 -0.95 15.04 -13.18
CA MET A 45 -0.97 14.44 -11.86
C MET A 45 -2.26 14.78 -11.15
N GLU A 46 -3.16 13.81 -11.09
CA GLU A 46 -4.54 14.04 -10.67
C GLU A 46 -4.70 13.88 -9.16
N PRO A 47 -5.48 14.74 -8.54
CA PRO A 47 -5.85 14.53 -7.14
C PRO A 47 -6.49 13.15 -6.94
N ARG A 48 -6.39 12.66 -5.70
CA ARG A 48 -6.94 11.37 -5.32
C ARG A 48 -7.57 11.37 -3.93
N ALA A 49 -7.47 12.48 -3.17
CA ALA A 49 -8.32 12.70 -2.00
C ALA A 49 -8.97 14.08 -2.11
N PRO A 50 -10.23 14.20 -1.70
CA PRO A 50 -10.98 15.43 -2.01
C PRO A 50 -10.41 16.69 -1.39
N TRP A 51 -9.78 16.62 -0.22
CA TRP A 51 -9.32 17.83 0.46
C TRP A 51 -8.16 18.54 -0.23
N VAL A 52 -7.61 17.98 -1.31
CA VAL A 52 -6.43 18.57 -1.93
C VAL A 52 -6.80 19.50 -3.08
N GLU A 53 -7.98 19.33 -3.68
CA GLU A 53 -8.30 19.88 -4.99
C GLU A 53 -8.33 21.41 -5.03
N GLN A 54 -8.52 22.07 -3.89
CA GLN A 54 -8.66 23.53 -3.92
C GLN A 54 -7.29 24.20 -3.87
N VAL A 55 -6.27 23.52 -4.35
CA VAL A 55 -4.96 24.15 -4.52
C VAL A 55 -4.90 24.73 -5.92
N GLY A 56 -4.24 25.88 -6.06
CA GLY A 56 -4.22 26.60 -7.30
C GLY A 56 -3.81 25.76 -8.48
N PRO A 57 -4.32 26.08 -9.70
CA PRO A 57 -3.83 25.43 -10.93
C PRO A 57 -2.32 25.50 -11.13
N GLU A 58 -1.65 26.50 -10.52
CA GLU A 58 -0.19 26.61 -10.64
C GLU A 58 0.49 25.34 -10.15
N TYR A 59 0.23 24.97 -8.89
CA TYR A 59 0.54 23.67 -8.30
C TYR A 59 0.51 22.52 -9.30
N TRP A 60 -0.68 22.19 -9.81
CA TRP A 60 -0.83 21.02 -10.67
C TRP A 60 0.05 21.09 -11.89
N ASP A 61 0.18 22.26 -12.51
CA ASP A 61 1.09 22.31 -13.66
C ASP A 61 2.53 22.13 -13.20
N GLU A 62 2.92 22.81 -12.12
CA GLU A 62 4.27 22.67 -11.58
C GLU A 62 4.59 21.23 -11.18
N GLU A 63 3.59 20.42 -10.84
CA GLU A 63 3.84 19.04 -10.44
C GLU A 63 3.94 18.11 -11.64
N THR A 64 2.95 18.10 -12.53
CA THR A 64 3.10 17.28 -13.74
C THR A 64 4.33 17.69 -14.54
N ARG A 65 4.73 18.97 -14.45
CA ARG A 65 6.04 19.34 -14.96
C ARG A 65 7.13 18.50 -14.29
N ASN A 66 7.12 18.45 -12.95
CA ASN A 66 8.12 17.65 -12.24
C ASN A 66 7.92 16.16 -12.49
N ALA A 67 6.67 15.69 -12.51
CA ALA A 67 6.44 14.27 -12.74
C ALA A 67 6.96 13.84 -14.09
N LYS A 68 6.83 14.72 -15.10
CA LYS A 68 7.24 14.35 -16.44
C LYS A 68 8.75 14.24 -16.54
N ASP A 69 9.49 15.15 -15.90
CA ASP A 69 10.94 14.99 -15.83
C ASP A 69 11.33 13.70 -15.11
N ASN A 70 10.66 13.37 -13.99
CA ASN A 70 11.05 12.17 -13.27
C ASN A 70 10.87 10.93 -14.15
N ALA A 71 9.79 10.87 -14.93
CA ALA A 71 9.64 9.73 -15.83
C ALA A 71 10.74 9.70 -16.89
N GLN A 72 11.08 10.86 -17.43
CA GLN A 72 12.19 10.91 -18.38
C GLN A 72 13.49 10.48 -17.70
N ASN A 73 13.84 11.16 -16.60
CA ASN A 73 15.08 10.88 -15.89
C ASN A 73 15.20 9.40 -15.53
N PHE A 74 14.08 8.77 -15.16
CA PHE A 74 14.15 7.40 -14.71
C PHE A 74 14.40 6.45 -15.86
N ARG A 75 13.72 6.67 -17.00
CA ARG A 75 13.88 5.77 -18.14
C ARG A 75 15.34 5.71 -18.62
N VAL A 76 16.08 6.80 -18.46
CA VAL A 76 17.52 6.74 -18.66
C VAL A 76 18.18 5.94 -17.55
N ASN A 77 17.76 6.16 -16.29
CA ASN A 77 18.35 5.45 -15.16
C ASN A 77 18.23 3.93 -15.34
N LEU A 78 17.04 3.44 -15.77
CA LEU A 78 16.92 2.03 -16.14
C LEU A 78 18.06 1.61 -17.04
N GLN A 79 18.32 2.41 -18.08
CA GLN A 79 19.38 2.10 -19.03
C GLN A 79 20.73 2.09 -18.35
N THR A 80 21.05 3.16 -17.61
CA THR A 80 22.34 3.25 -16.93
C THR A 80 22.59 1.99 -16.11
N VAL A 81 21.60 1.64 -15.26
CA VAL A 81 21.78 0.51 -14.35
C VAL A 81 21.95 -0.79 -15.13
N LEU A 82 21.14 -0.99 -16.16
CA LEU A 82 21.18 -2.27 -16.87
C LEU A 82 22.56 -2.57 -17.42
N ARG A 83 23.36 -1.53 -17.65
CA ARG A 83 24.72 -1.70 -18.15
C ARG A 83 25.75 -1.77 -17.04
N TYR A 84 25.52 -1.08 -15.91
CA TYR A 84 26.31 -1.34 -14.70
C TYR A 84 26.36 -2.83 -14.41
N TYR A 85 25.30 -3.55 -14.81
CA TYR A 85 25.12 -4.95 -14.50
C TYR A 85 25.22 -5.84 -15.72
N ASN A 86 25.23 -5.27 -16.92
CA ASN A 86 25.29 -6.03 -18.18
C ASN A 86 24.15 -7.03 -18.28
N GLN A 87 22.95 -6.59 -17.99
CA GLN A 87 21.82 -7.46 -18.27
C GLN A 87 21.32 -7.20 -19.68
N SER A 88 20.50 -8.12 -20.19
CA SER A 88 20.02 -8.00 -21.56
C SER A 88 18.93 -6.93 -21.64
N GLU A 89 18.89 -6.22 -22.78
CA GLU A 89 17.88 -5.18 -22.94
C GLU A 89 16.50 -5.78 -23.21
N SER A 90 16.40 -7.11 -23.24
CA SER A 90 15.13 -7.80 -23.33
C SER A 90 14.52 -8.09 -21.98
N GLY A 91 15.29 -8.00 -20.90
CA GLY A 91 14.76 -8.28 -19.58
C GLY A 91 13.88 -7.15 -19.07
N SER A 92 12.81 -7.52 -18.37
CA SER A 92 12.01 -6.52 -17.66
C SER A 92 12.63 -6.26 -16.29
N HIS A 93 12.86 -4.99 -15.99
CA HIS A 93 13.48 -4.61 -14.72
C HIS A 93 12.74 -3.41 -14.16
N SER A 94 12.78 -3.26 -12.83
CA SER A 94 12.02 -2.24 -12.11
C SER A 94 12.93 -1.46 -11.19
N LEU A 95 12.77 -0.14 -11.20
CA LEU A 95 13.51 0.80 -10.37
C LEU A 95 12.49 1.53 -9.49
N GLN A 96 12.67 1.44 -8.16
CA GLN A 96 11.73 2.08 -7.25
C GLN A 96 12.43 3.15 -6.42
N ARG A 97 11.71 4.23 -6.13
CA ARG A 97 12.27 5.30 -5.30
C ARG A 97 11.23 5.78 -4.31
N MET A 98 11.68 6.13 -3.11
CA MET A 98 10.77 6.57 -2.05
C MET A 98 11.43 7.70 -1.28
N TYR A 99 10.65 8.73 -0.92
CA TYR A 99 11.18 9.75 -0.04
C TYR A 99 10.06 10.32 0.82
N GLY A 100 10.44 11.06 1.85
CA GLY A 100 9.45 11.73 2.66
C GLY A 100 9.99 12.13 4.02
N CYS A 101 9.08 12.65 4.85
CA CYS A 101 9.45 13.12 6.17
C CYS A 101 8.40 12.72 7.20
N ASP A 102 8.84 12.52 8.43
CA ASP A 102 7.98 12.30 9.60
C ASP A 102 8.10 13.53 10.49
N VAL A 103 6.97 14.12 10.88
CA VAL A 103 7.00 15.23 11.83
C VAL A 103 6.31 14.80 13.10
N GLY A 104 6.79 15.34 14.23
CA GLY A 104 6.29 14.97 15.54
C GLY A 104 5.03 15.71 15.91
N PRO A 105 4.55 15.46 17.14
CA PRO A 105 3.27 16.05 17.59
C PRO A 105 3.23 17.56 17.49
N ASP A 106 4.33 18.23 17.80
CA ASP A 106 4.45 19.66 17.66
C ASP A 106 5.02 20.03 16.29
N GLY A 107 5.24 19.06 15.41
CA GLY A 107 5.93 19.33 14.16
C GLY A 107 7.43 19.21 14.27
N CYS A 108 7.91 18.51 15.30
CA CYS A 108 9.33 18.33 15.62
C CYS A 108 10.18 18.09 14.36
N LEU A 109 9.69 17.29 13.40
CA LEU A 109 10.48 16.72 12.28
C LEU A 109 11.38 15.57 12.76
N LEU A 110 10.89 14.35 12.69
CA LEU A 110 11.57 13.24 13.34
C LEU A 110 12.59 12.55 12.43
N ARG A 111 12.18 12.19 11.21
CA ARG A 111 13.10 11.55 10.27
C ARG A 111 12.80 12.03 8.86
N GLY A 112 13.85 12.17 8.08
CA GLY A 112 13.74 12.27 6.64
C GLY A 112 14.39 11.04 6.02
N TYR A 113 13.73 10.47 5.03
CA TYR A 113 14.23 9.29 4.36
C TYR A 113 14.13 9.45 2.84
N SER A 114 15.01 8.74 2.14
CA SER A 114 15.12 8.79 0.69
C SER A 114 15.90 7.55 0.27
N GLN A 115 15.24 6.64 -0.45
CA GLN A 115 15.73 5.29 -0.69
C GLN A 115 15.37 4.87 -2.10
N VAL A 116 16.20 3.99 -2.64
CA VAL A 116 16.12 3.55 -4.01
C VAL A 116 16.46 2.07 -4.08
N SER A 117 15.58 1.30 -4.70
CA SER A 117 15.80 -0.12 -4.94
C SER A 117 15.79 -0.38 -6.43
N TYR A 118 16.52 -1.41 -6.83
CA TYR A 118 16.51 -1.88 -8.21
C TYR A 118 16.02 -3.32 -8.17
N ASP A 119 15.00 -3.62 -8.97
CA ASP A 119 14.35 -4.92 -8.94
C ASP A 119 14.12 -5.42 -7.52
N GLY A 120 13.58 -4.57 -6.65
CA GLY A 120 13.16 -4.98 -5.33
C GLY A 120 14.28 -5.22 -4.33
N LYS A 121 15.52 -5.01 -4.72
CA LYS A 121 16.65 -5.17 -3.82
C LYS A 121 17.19 -3.77 -3.56
N ASP A 122 17.48 -3.47 -2.29
CA ASP A 122 18.12 -2.22 -1.90
C ASP A 122 19.23 -1.88 -2.88
N TYR A 123 19.30 -0.61 -3.27
CA TYR A 123 20.31 -0.18 -4.22
C TYR A 123 21.20 0.91 -3.64
N ILE A 124 20.62 1.96 -3.11
CA ILE A 124 21.37 3.05 -2.50
C ILE A 124 20.33 3.76 -1.69
N SER A 125 20.76 4.40 -0.62
CA SER A 125 19.84 4.95 0.37
C SER A 125 20.52 6.14 1.00
N LEU A 126 19.74 7.15 1.34
CA LEU A 126 20.30 8.22 2.14
C LEU A 126 20.37 7.73 3.58
N ASN A 127 21.39 8.18 4.31
CA ASN A 127 21.53 7.70 5.68
C ASN A 127 20.73 8.59 6.61
N LYS A 128 20.66 8.17 7.89
CA LYS A 128 19.88 8.92 8.87
C LYS A 128 20.38 10.35 9.03
N ASP A 129 21.67 10.59 8.82
CA ASP A 129 22.23 11.93 8.98
C ASP A 129 21.91 12.88 7.83
N LEU A 130 21.15 12.42 6.81
CA LEU A 130 20.83 13.20 5.59
C LEU A 130 22.09 13.80 4.94
N ARG A 131 23.24 13.15 5.11
CA ARG A 131 24.47 13.66 4.52
C ARG A 131 25.37 12.58 3.93
N SER A 132 25.08 11.30 4.13
CA SER A 132 25.88 10.22 3.57
C SER A 132 24.98 9.23 2.84
N TRP A 133 25.59 8.29 2.12
CA TRP A 133 24.86 7.31 1.34
C TRP A 133 25.36 5.91 1.66
N THR A 134 24.43 5.00 1.97
CA THR A 134 24.70 3.58 1.98
C THR A 134 24.50 3.06 0.56
N ALA A 135 25.51 2.39 0.01
CA ALA A 135 25.45 1.84 -1.34
C ALA A 135 25.65 0.35 -1.28
N ALA A 136 24.72 -0.40 -1.87
CA ALA A 136 24.63 -1.83 -1.62
C ALA A 136 25.76 -2.60 -2.31
N ASP A 137 25.95 -2.39 -3.59
CA ASP A 137 26.91 -3.16 -4.34
C ASP A 137 27.77 -2.23 -5.19
N THR A 138 28.72 -2.82 -5.92
CA THR A 138 29.72 -2.06 -6.64
C THR A 138 29.12 -1.18 -7.73
N ALA A 139 27.94 -1.53 -8.26
CA ALA A 139 27.25 -0.66 -9.21
C ALA A 139 26.71 0.60 -8.53
N ALA A 140 26.03 0.43 -7.40
CA ALA A 140 25.49 1.56 -6.65
C ALA A 140 26.57 2.51 -6.14
N GLN A 141 27.81 2.04 -6.02
CA GLN A 141 28.88 2.91 -5.57
C GLN A 141 29.25 3.92 -6.63
N ILE A 142 29.05 3.58 -7.90
CA ILE A 142 29.24 4.55 -8.95
C ILE A 142 28.19 5.65 -8.83
N THR A 143 26.91 5.27 -8.66
CA THR A 143 25.90 6.27 -8.39
C THR A 143 26.28 7.12 -7.18
N ARG A 144 26.75 6.46 -6.10
CA ARG A 144 27.13 7.18 -4.87
C ARG A 144 28.22 8.20 -5.14
N LEU A 145 29.20 7.82 -5.96
CA LEU A 145 30.22 8.73 -6.44
C LEU A 145 29.59 9.96 -7.11
N LYS A 146 28.84 9.73 -8.20
CA LYS A 146 28.18 10.81 -8.92
C LYS A 146 27.49 11.74 -7.96
N TRP A 147 26.67 11.16 -7.06
CA TRP A 147 25.84 11.96 -6.17
C TRP A 147 26.61 12.63 -5.06
N GLU A 148 27.83 12.18 -4.78
CA GLU A 148 28.65 12.89 -3.81
C GLU A 148 29.33 14.09 -4.47
N GLU A 149 29.70 13.98 -5.75
CA GLU A 149 30.39 15.08 -6.41
C GLU A 149 29.44 16.25 -6.67
N ALA A 150 28.31 16.00 -7.34
CA ALA A 150 27.19 16.91 -7.14
C ALA A 150 26.81 16.83 -5.67
N GLY A 151 26.49 17.94 -5.06
CA GLY A 151 26.02 17.79 -3.70
C GLY A 151 24.58 17.36 -3.71
N VAL A 152 24.31 16.07 -3.90
CA VAL A 152 22.91 15.62 -4.01
C VAL A 152 22.27 15.50 -2.62
N ALA A 153 23.01 15.02 -1.62
CA ALA A 153 22.43 14.88 -0.28
C ALA A 153 21.93 16.22 0.26
N GLU A 154 22.60 17.31 -0.14
CA GLU A 154 22.27 18.63 0.39
C GLU A 154 20.97 19.15 -0.20
N GLN A 155 20.80 18.99 -1.52
CA GLN A 155 19.49 19.23 -2.12
C GLN A 155 18.40 18.43 -1.42
N GLU A 156 18.63 17.13 -1.19
CA GLU A 156 17.59 16.31 -0.58
C GLU A 156 17.36 16.71 0.88
N ARG A 157 18.44 16.98 1.63
CA ARG A 157 18.26 17.33 3.04
C ARG A 157 17.40 18.57 3.19
N ASN A 158 17.64 19.58 2.36
CA ASN A 158 16.87 20.80 2.47
C ASN A 158 15.46 20.63 1.93
N TYR A 159 15.25 19.67 1.03
CA TYR A 159 13.88 19.35 0.63
C TYR A 159 13.13 18.67 1.77
N LEU A 160 13.78 17.72 2.46
CA LEU A 160 13.15 16.94 3.51
C LEU A 160 13.03 17.70 4.84
N GLU A 161 13.86 18.73 5.05
CA GLU A 161 13.80 19.52 6.27
C GLU A 161 12.86 20.72 6.14
N GLY A 162 12.75 21.28 4.94
CA GLY A 162 11.90 22.42 4.74
C GLY A 162 10.66 22.09 3.93
N THR A 163 10.83 21.93 2.62
CA THR A 163 9.67 21.80 1.74
C THR A 163 8.76 20.70 2.21
N CYS A 164 9.34 19.56 2.63
CA CYS A 164 8.54 18.42 3.07
C CYS A 164 7.70 18.80 4.28
N VAL A 165 8.35 19.17 5.37
CA VAL A 165 7.62 19.36 6.62
C VAL A 165 6.64 20.51 6.48
N GLU A 166 7.00 21.51 5.68
CA GLU A 166 6.10 22.62 5.48
C GLU A 166 4.85 22.18 4.74
N TRP A 167 5.04 21.55 3.57
CA TRP A 167 3.87 21.17 2.78
C TRP A 167 3.06 20.10 3.46
N LEU A 168 3.71 19.21 4.22
CA LEU A 168 2.94 18.30 5.06
C LEU A 168 1.97 19.07 5.94
N ALA A 169 2.49 19.91 6.84
CA ALA A 169 1.68 20.86 7.60
C ALA A 169 0.50 21.43 6.81
N LYS A 170 0.79 21.99 5.62
CA LYS A 170 -0.30 22.51 4.81
C LYS A 170 -1.35 21.44 4.53
N TYR A 171 -0.92 20.21 4.18
CA TYR A 171 -1.87 19.18 3.78
C TYR A 171 -2.83 18.82 4.91
N LEU A 172 -2.34 18.71 6.15
CA LEU A 172 -3.21 18.25 7.23
C LEU A 172 -4.23 19.32 7.62
N ASP A 173 -3.89 20.61 7.47
CA ASP A 173 -4.90 21.63 7.67
C ASP A 173 -6.03 21.49 6.66
N MET A 174 -5.68 21.38 5.37
CA MET A 174 -6.68 21.17 4.34
C MET A 174 -7.57 19.98 4.66
N GLY A 175 -6.98 18.86 5.06
CA GLY A 175 -7.77 17.68 5.33
C GLY A 175 -8.01 17.48 6.81
N LYS A 176 -8.23 18.59 7.52
CA LYS A 176 -8.37 18.54 8.97
C LYS A 176 -9.49 17.59 9.40
N GLU A 177 -10.63 17.63 8.70
CA GLU A 177 -11.76 16.79 9.09
C GLU A 177 -11.59 15.33 8.67
N THR A 178 -10.70 15.06 7.71
CA THR A 178 -10.48 13.73 7.17
C THR A 178 -9.35 13.03 7.92
N LEU A 179 -8.19 13.66 7.95
CA LEU A 179 -6.97 13.00 8.38
C LEU A 179 -6.82 13.05 9.89
N LEU A 180 -7.22 14.14 10.52
CA LEU A 180 -6.99 14.22 11.96
C LEU A 180 -8.03 13.44 12.77
N ARG A 181 -9.12 12.98 12.15
CA ARG A 181 -10.14 12.21 12.84
C ARG A 181 -9.86 10.72 12.67
N ALA A 182 -9.60 10.03 13.78
CA ALA A 182 -9.53 8.57 13.78
C ALA A 182 -10.92 7.98 13.64
N GLU A 183 -10.98 6.69 13.31
CA GLU A 183 -12.24 5.98 13.13
C GLU A 183 -12.16 4.66 13.86
N SER A 184 -12.96 4.52 14.92
CA SER A 184 -12.97 3.30 15.72
C SER A 184 -13.47 2.13 14.87
N PRO A 185 -12.87 0.94 14.99
CA PRO A 185 -13.38 -0.20 14.22
C PRO A 185 -14.76 -0.63 14.73
N ASN A 186 -15.53 -1.21 13.83
CA ASN A 186 -16.72 -1.95 14.23
C ASN A 186 -16.26 -3.31 14.71
N THR A 187 -16.51 -3.63 15.97
CA THR A 187 -16.14 -4.96 16.42
C THR A 187 -17.37 -5.85 16.32
N ARG A 188 -17.14 -7.15 16.21
CA ARG A 188 -18.12 -8.21 16.25
C ARG A 188 -17.35 -9.52 16.06
N MET A 189 -17.95 -10.60 16.53
CA MET A 189 -17.33 -11.91 16.56
C MET A 189 -18.36 -12.92 16.08
N THR A 190 -18.08 -13.61 14.98
CA THR A 190 -18.99 -14.61 14.45
C THR A 190 -18.50 -16.01 14.83
N ARG A 191 -19.32 -17.01 14.50
CA ARG A 191 -19.00 -18.40 14.81
C ARG A 191 -19.34 -19.27 13.61
N HIS A 192 -18.38 -20.08 13.17
CA HIS A 192 -18.51 -20.82 11.92
C HIS A 192 -18.27 -22.30 12.12
N PRO A 193 -19.32 -23.14 12.04
CA PRO A 193 -19.17 -24.57 12.32
C PRO A 193 -18.13 -25.22 11.43
N ILE A 194 -17.39 -26.18 12.01
CA ILE A 194 -16.48 -27.03 11.25
C ILE A 194 -16.91 -28.49 11.37
N SER A 195 -17.50 -28.86 12.50
CA SER A 195 -17.77 -30.27 12.76
C SER A 195 -18.67 -30.39 13.98
N ASP A 196 -18.85 -31.64 14.44
CA ASP A 196 -19.41 -31.90 15.77
C ASP A 196 -18.44 -31.48 16.86
N ARG A 197 -17.15 -31.42 16.54
CA ARG A 197 -16.12 -31.38 17.54
C ARG A 197 -15.47 -30.01 17.71
N GLU A 198 -15.57 -29.14 16.72
CA GLU A 198 -14.96 -27.82 16.91
C GLU A 198 -15.40 -26.88 15.80
N VAL A 199 -15.16 -25.60 16.04
CA VAL A 199 -15.81 -24.51 15.32
C VAL A 199 -14.84 -23.34 15.20
N THR A 200 -14.76 -22.74 14.01
CA THR A 200 -14.02 -21.50 13.85
C THR A 200 -14.77 -20.37 14.53
N LEU A 201 -14.02 -19.44 15.13
CA LEU A 201 -14.61 -18.36 15.95
C LEU A 201 -13.95 -17.04 15.55
N ARG A 202 -14.55 -16.32 14.61
CA ARG A 202 -13.91 -15.16 14.01
C ARG A 202 -14.13 -13.88 14.80
N CYS A 203 -13.09 -13.06 14.86
CA CYS A 203 -13.15 -11.76 15.49
C CYS A 203 -12.94 -10.71 14.41
N TRP A 204 -13.95 -9.90 14.15
CA TRP A 204 -13.94 -8.93 13.09
C TRP A 204 -13.75 -7.53 13.66
N ALA A 205 -12.95 -6.70 12.98
CA ALA A 205 -12.93 -5.26 13.24
C ALA A 205 -12.91 -4.51 11.91
N LEU A 206 -13.98 -3.75 11.64
CA LEU A 206 -14.24 -3.17 10.32
C LEU A 206 -14.31 -1.65 10.38
N GLY A 207 -13.89 -1.01 9.30
CA GLY A 207 -14.15 0.40 9.12
C GLY A 207 -13.28 1.33 9.94
N PHE A 208 -12.11 0.89 10.37
CA PHE A 208 -11.32 1.74 11.24
C PHE A 208 -10.31 2.58 10.45
N TYR A 209 -9.78 3.61 11.12
CA TYR A 209 -8.74 4.46 10.56
C TYR A 209 -8.03 5.13 11.74
N PRO A 210 -6.69 5.21 11.73
CA PRO A 210 -5.86 4.73 10.61
C PRO A 210 -5.66 3.23 10.62
N ALA A 211 -4.75 2.77 9.74
CA ALA A 211 -4.64 1.35 9.46
C ALA A 211 -4.10 0.55 10.64
N GLU A 212 -3.44 1.18 11.60
CA GLU A 212 -2.79 0.39 12.62
C GLU A 212 -3.77 0.01 13.71
N ILE A 213 -3.59 -1.22 14.22
CA ILE A 213 -4.59 -1.87 15.05
C ILE A 213 -3.92 -3.08 15.68
N THR A 214 -4.48 -3.56 16.79
CA THR A 214 -4.07 -4.86 17.30
C THR A 214 -5.29 -5.64 17.74
N LEU A 215 -5.31 -6.91 17.37
CA LEU A 215 -6.33 -7.87 17.77
C LEU A 215 -5.65 -8.94 18.60
N THR A 216 -6.31 -9.39 19.65
CA THR A 216 -5.70 -10.34 20.57
C THR A 216 -6.78 -11.30 21.05
N TRP A 217 -6.38 -12.54 21.28
CA TRP A 217 -7.30 -13.64 21.55
C TRP A 217 -6.88 -14.35 22.84
N GLN A 218 -7.76 -14.38 23.84
CA GLN A 218 -7.42 -14.83 25.20
C GLN A 218 -8.32 -15.96 25.68
N ARG A 219 -7.79 -17.19 25.70
CA ARG A 219 -8.49 -18.38 26.17
C ARG A 219 -8.44 -18.47 27.70
N ASP A 220 -9.61 -18.49 28.35
CA ASP A 220 -9.67 -18.64 29.81
C ASP A 220 -8.84 -17.57 30.53
N GLY A 221 -8.61 -16.42 29.90
CA GLY A 221 -7.63 -15.46 30.38
C GLY A 221 -6.22 -15.63 29.82
N GLN A 222 -5.89 -16.81 29.27
CA GLN A 222 -4.58 -16.98 28.64
C GLN A 222 -4.39 -15.95 27.56
N ASP A 223 -3.22 -15.93 26.98
CA ASP A 223 -3.07 -15.23 25.71
C ASP A 223 -2.74 -16.29 24.65
N HIS A 224 -3.78 -16.65 23.89
CA HIS A 224 -3.77 -17.73 22.89
C HIS A 224 -3.56 -17.22 21.48
N THR A 225 -3.02 -16.01 21.32
CA THR A 225 -2.75 -15.55 19.95
C THR A 225 -1.76 -16.46 19.19
N GLN A 226 -1.19 -17.48 19.84
CA GLN A 226 -0.20 -18.34 19.20
C GLN A 226 -0.80 -19.13 18.06
N ASP A 227 -2.00 -19.68 18.28
CA ASP A 227 -2.73 -20.55 17.35
C ASP A 227 -3.59 -19.77 16.37
N ALA A 228 -3.91 -18.52 16.70
CA ALA A 228 -4.88 -17.74 15.94
C ALA A 228 -4.34 -17.42 14.55
N GLU A 229 -5.26 -17.36 13.59
CA GLU A 229 -4.97 -16.92 12.24
C GLU A 229 -5.43 -15.48 12.09
N LEU A 230 -4.48 -14.58 11.86
CA LEU A 230 -4.80 -13.19 11.64
C LEU A 230 -4.43 -12.87 10.19
N VAL A 231 -5.44 -12.53 9.38
CA VAL A 231 -5.13 -11.99 8.05
C VAL A 231 -4.50 -10.61 8.23
N GLU A 232 -3.85 -10.11 7.17
CA GLU A 232 -3.17 -8.82 7.27
C GLU A 232 -4.18 -7.70 7.01
N THR A 233 -4.06 -6.56 7.68
CA THR A 233 -5.07 -5.52 7.46
C THR A 233 -5.22 -5.21 5.98
N ARG A 234 -6.47 -4.98 5.57
CA ARG A 234 -6.78 -4.82 4.17
C ARG A 234 -7.68 -3.61 4.00
N PRO A 235 -7.57 -2.91 2.88
CA PRO A 235 -8.34 -1.68 2.73
C PRO A 235 -9.78 -2.02 2.52
N ALA A 236 -10.67 -1.15 3.02
CA ALA A 236 -12.10 -1.37 2.90
C ALA A 236 -12.68 -0.83 1.60
N GLY A 237 -11.96 0.05 0.91
CA GLY A 237 -12.50 0.72 -0.25
C GLY A 237 -12.90 2.16 0.03
N ASP A 238 -13.69 2.39 1.12
CA ASP A 238 -14.08 3.75 1.54
C ASP A 238 -12.94 4.50 2.18
N GLY A 239 -11.73 3.99 2.07
CA GLY A 239 -10.63 4.63 2.73
C GLY A 239 -10.40 4.18 4.14
N THR A 240 -11.24 3.28 4.67
CA THR A 240 -10.99 2.70 5.98
C THR A 240 -10.39 1.31 5.79
N PHE A 241 -10.17 0.62 6.89
CA PHE A 241 -9.44 -0.64 6.84
C PHE A 241 -10.21 -1.71 7.60
N GLN A 242 -9.78 -2.95 7.40
CA GLN A 242 -10.33 -4.11 8.08
C GLN A 242 -9.21 -5.08 8.40
N LYS A 243 -9.44 -5.93 9.39
CA LYS A 243 -8.65 -7.12 9.65
C LYS A 243 -9.46 -8.01 10.60
N TRP A 244 -9.22 -9.33 10.57
CA TRP A 244 -9.88 -10.23 11.52
C TRP A 244 -8.89 -11.29 12.03
N ALA A 245 -9.31 -11.98 13.09
CA ALA A 245 -8.49 -13.01 13.71
C ALA A 245 -9.38 -14.15 14.14
N ALA A 246 -9.12 -15.36 13.65
CA ALA A 246 -9.93 -16.54 13.99
C ALA A 246 -9.22 -17.43 15.01
N VAL A 247 -10.01 -18.34 15.59
CA VAL A 247 -9.54 -19.44 16.43
C VAL A 247 -10.36 -20.68 16.13
N VAL A 248 -9.85 -21.83 16.53
CA VAL A 248 -10.60 -23.08 16.43
C VAL A 248 -10.61 -23.75 17.80
N VAL A 249 -11.77 -24.27 18.20
CA VAL A 249 -12.11 -24.46 19.61
C VAL A 249 -12.99 -25.69 19.85
N PRO A 250 -12.78 -26.46 20.93
CA PRO A 250 -13.73 -27.52 21.25
C PRO A 250 -15.12 -26.95 21.46
N SER A 251 -16.12 -27.70 21.00
CA SER A 251 -17.51 -27.32 21.22
C SER A 251 -17.77 -27.06 22.71
N GLY A 252 -18.74 -26.22 22.98
CA GLY A 252 -19.04 -25.86 24.36
C GLY A 252 -18.08 -24.85 24.94
N GLU A 253 -16.82 -24.94 24.53
CA GLU A 253 -15.76 -24.10 25.08
C GLU A 253 -15.72 -22.71 24.44
N GLU A 254 -16.72 -22.33 23.64
CA GLU A 254 -16.70 -20.97 23.11
C GLU A 254 -16.72 -19.94 24.23
N GLN A 255 -17.53 -20.19 25.27
CA GLN A 255 -17.64 -19.26 26.37
C GLN A 255 -16.35 -19.14 27.15
N ARG A 256 -15.35 -19.93 26.81
CA ARG A 256 -14.04 -19.88 27.43
C ARG A 256 -13.21 -18.68 26.97
N TYR A 257 -13.67 -17.89 25.99
CA TYR A 257 -12.75 -17.05 25.21
C TYR A 257 -13.04 -15.56 25.36
N THR A 258 -12.19 -14.78 24.72
CA THR A 258 -12.26 -13.33 24.68
C THR A 258 -11.51 -12.89 23.44
N CYS A 259 -12.00 -11.83 22.80
CA CYS A 259 -11.21 -11.14 21.80
C CYS A 259 -11.08 -9.69 22.22
N HIS A 260 -9.91 -9.13 21.94
CA HIS A 260 -9.58 -7.80 22.41
C HIS A 260 -9.04 -6.98 21.25
N VAL A 261 -9.68 -5.86 21.00
CA VAL A 261 -9.32 -4.96 19.92
C VAL A 261 -8.82 -3.67 20.57
N GLN A 262 -7.57 -3.33 20.31
CA GLN A 262 -6.99 -2.06 20.73
C GLN A 262 -6.77 -1.20 19.49
N HIS A 263 -7.22 0.06 19.55
CA HIS A 263 -7.12 0.93 18.38
C HIS A 263 -7.21 2.40 18.79
N GLU A 264 -6.47 3.22 18.04
CA GLU A 264 -6.25 4.62 18.43
C GLU A 264 -7.54 5.35 18.78
N GLY A 265 -8.62 5.07 18.07
CA GLY A 265 -9.87 5.76 18.28
C GLY A 265 -10.80 5.07 19.25
N LEU A 266 -10.36 4.00 19.92
CA LEU A 266 -11.17 3.34 20.92
C LEU A 266 -10.90 3.95 22.28
N PRO A 267 -11.86 4.67 22.87
CA PRO A 267 -11.55 5.46 24.08
C PRO A 267 -10.87 4.61 25.14
N GLU A 268 -11.44 3.43 25.40
CA GLU A 268 -10.64 2.44 26.07
C GLU A 268 -10.78 1.11 25.33
N PRO A 269 -9.72 0.31 25.27
CA PRO A 269 -9.78 -0.97 24.54
C PRO A 269 -11.04 -1.78 24.84
N ILE A 270 -11.69 -2.33 23.76
CA ILE A 270 -12.89 -3.17 23.89
C ILE A 270 -12.50 -4.65 23.91
N THR A 271 -13.21 -5.41 24.73
CA THR A 271 -13.13 -6.86 24.80
C THR A 271 -14.53 -7.41 24.58
N LEU A 272 -14.63 -8.57 23.95
CA LEU A 272 -15.95 -9.16 23.69
C LEU A 272 -15.91 -10.67 23.84
N ARG A 273 -17.05 -11.24 24.24
CA ARG A 273 -17.26 -12.68 24.38
C ARG A 273 -18.55 -13.09 23.68
N TRP A 274 -18.55 -14.33 23.20
CA TRP A 274 -19.68 -14.93 22.51
C TRP A 274 -21.05 -14.61 23.10
N VAL B 21 15.33 -11.53 -7.37
CA VAL B 21 14.47 -11.47 -6.19
C VAL B 21 13.01 -11.14 -6.51
N GLN B 22 12.14 -12.08 -6.17
CA GLN B 22 10.75 -12.01 -6.59
C GLN B 22 9.89 -12.76 -5.59
N HIS B 23 8.91 -12.08 -5.01
CA HIS B 23 7.92 -12.73 -4.17
C HIS B 23 6.57 -12.74 -4.87
N SER B 24 5.72 -13.67 -4.44
CA SER B 24 4.47 -13.98 -5.10
C SER B 24 3.31 -13.34 -4.34
N PRO B 25 2.19 -13.05 -5.00
CA PRO B 25 1.19 -12.19 -4.37
C PRO B 25 0.31 -12.97 -3.40
N LYS B 26 0.03 -12.35 -2.26
CA LYS B 26 -1.11 -12.74 -1.44
C LYS B 26 -2.37 -12.11 -1.99
N VAL B 27 -3.51 -12.77 -1.75
CA VAL B 27 -4.78 -12.27 -2.28
C VAL B 27 -5.88 -12.56 -1.25
N GLN B 28 -6.65 -11.51 -0.92
CA GLN B 28 -7.84 -11.61 -0.12
C GLN B 28 -9.03 -11.15 -0.94
N VAL B 29 -10.13 -11.91 -0.84
CA VAL B 29 -11.39 -11.57 -1.49
C VAL B 29 -12.44 -11.40 -0.40
N TYR B 30 -13.09 -10.25 -0.40
CA TYR B 30 -13.95 -9.87 0.71
C TYR B 30 -14.87 -8.73 0.26
N SER B 31 -15.97 -8.58 0.99
CA SER B 31 -16.92 -7.50 0.79
C SER B 31 -16.54 -6.31 1.67
N ARG B 32 -16.97 -5.11 1.26
CA ARG B 32 -16.66 -3.93 2.07
C ARG B 32 -17.48 -3.92 3.36
N HIS B 33 -18.77 -4.19 3.24
CA HIS B 33 -19.59 -4.42 4.42
C HIS B 33 -19.97 -5.89 4.49
N PRO B 34 -20.33 -6.40 5.68
CA PRO B 34 -20.78 -7.80 5.78
C PRO B 34 -21.87 -8.10 4.77
N ALA B 35 -21.80 -9.32 4.22
CA ALA B 35 -22.68 -9.69 3.12
C ALA B 35 -24.15 -9.76 3.58
N GLU B 36 -25.00 -8.98 2.93
CA GLU B 36 -26.44 -9.09 3.07
C GLU B 36 -26.99 -9.40 1.70
N ASN B 37 -27.61 -10.58 1.58
CA ASN B 37 -28.05 -11.11 0.31
C ASN B 37 -28.97 -10.12 -0.40
N GLY B 38 -28.64 -9.84 -1.66
CA GLY B 38 -29.40 -8.85 -2.41
C GLY B 38 -29.45 -7.47 -1.81
N LYS B 39 -28.36 -7.01 -1.21
CA LYS B 39 -28.27 -5.61 -0.82
C LYS B 39 -26.95 -5.02 -1.32
N PRO B 40 -27.00 -3.95 -2.13
CA PRO B 40 -25.81 -3.47 -2.85
C PRO B 40 -24.63 -3.27 -1.90
N ASN B 41 -23.43 -3.44 -2.45
CA ASN B 41 -22.24 -3.54 -1.63
C ASN B 41 -21.02 -3.34 -2.55
N PHE B 42 -19.84 -3.74 -2.08
CA PHE B 42 -18.61 -3.60 -2.85
C PHE B 42 -17.77 -4.84 -2.60
N LEU B 43 -17.20 -5.38 -3.66
CA LEU B 43 -16.34 -6.55 -3.52
C LEU B 43 -14.92 -6.14 -3.87
N ASN B 44 -13.98 -6.68 -3.10
CA ASN B 44 -12.60 -6.19 -3.07
C ASN B 44 -11.66 -7.35 -3.33
N CYS B 45 -10.74 -7.16 -4.27
CA CYS B 45 -9.62 -8.07 -4.41
C CYS B 45 -8.36 -7.30 -4.04
N TYR B 46 -7.75 -7.70 -2.93
CA TYR B 46 -6.56 -7.03 -2.43
C TYR B 46 -5.34 -7.91 -2.77
N VAL B 47 -4.42 -7.36 -3.56
CA VAL B 47 -3.27 -8.10 -4.09
C VAL B 47 -2.01 -7.41 -3.61
N SER B 48 -1.23 -8.10 -2.77
CA SER B 48 -0.23 -7.42 -1.96
C SER B 48 0.99 -8.31 -1.79
N GLY B 49 2.13 -7.67 -1.58
CA GLY B 49 3.37 -8.35 -1.26
C GLY B 49 4.14 -8.90 -2.44
N PHE B 50 3.77 -8.54 -3.66
CA PHE B 50 4.36 -9.14 -4.84
C PHE B 50 5.48 -8.28 -5.44
N HIS B 51 6.29 -8.94 -6.26
CA HIS B 51 7.41 -8.34 -6.98
C HIS B 51 7.88 -9.37 -7.97
N PRO B 52 8.08 -9.03 -9.25
CA PRO B 52 8.03 -7.71 -9.91
C PRO B 52 6.62 -7.11 -10.02
N PRO B 53 6.52 -5.82 -10.35
CA PRO B 53 5.21 -5.15 -10.25
C PRO B 53 4.19 -5.61 -11.30
N GLN B 54 4.63 -6.01 -12.50
CA GLN B 54 3.73 -6.47 -13.55
C GLN B 54 2.84 -7.58 -13.03
N ILE B 55 1.53 -7.44 -13.23
CA ILE B 55 0.57 -8.30 -12.56
C ILE B 55 -0.76 -8.15 -13.26
N ASP B 56 -1.60 -9.16 -13.10
CA ASP B 56 -2.77 -9.39 -13.92
C ASP B 56 -3.91 -9.74 -12.96
N ILE B 57 -4.80 -8.80 -12.63
CA ILE B 57 -5.84 -9.07 -11.62
C ILE B 57 -7.22 -8.89 -12.26
N THR B 58 -8.09 -9.87 -12.04
CA THR B 58 -9.41 -9.90 -12.66
C THR B 58 -10.44 -10.35 -11.65
N LEU B 59 -11.46 -9.53 -11.43
CA LEU B 59 -12.62 -9.95 -10.66
C LEU B 59 -13.59 -10.66 -11.60
N MET B 60 -14.23 -11.72 -11.12
CA MET B 60 -15.03 -12.56 -12.00
C MET B 60 -16.37 -12.90 -11.38
N LYS B 61 -17.45 -12.61 -12.13
CA LYS B 61 -18.81 -13.00 -11.78
C LYS B 61 -19.06 -14.38 -12.41
N ASN B 62 -19.17 -15.41 -11.57
CA ASN B 62 -19.46 -16.75 -12.04
C ASN B 62 -18.45 -17.18 -13.11
N GLY B 63 -17.19 -17.22 -12.72
CA GLY B 63 -16.17 -17.72 -13.63
C GLY B 63 -16.04 -16.99 -14.95
N LYS B 64 -16.54 -15.76 -15.05
CA LYS B 64 -16.32 -14.94 -16.23
C LYS B 64 -16.09 -13.51 -15.75
N LYS B 65 -15.33 -12.73 -16.52
CA LYS B 65 -14.77 -11.46 -16.08
C LYS B 65 -15.82 -10.50 -15.53
N MET B 66 -15.47 -9.66 -14.55
CA MET B 66 -16.26 -8.49 -14.19
C MET B 66 -15.57 -7.20 -14.62
N GLU B 67 -16.38 -6.16 -14.83
CA GLU B 67 -15.83 -4.82 -14.99
C GLU B 67 -15.49 -4.30 -13.62
N ALA B 68 -14.21 -4.02 -13.40
CA ALA B 68 -13.75 -3.58 -12.09
C ALA B 68 -12.80 -2.41 -12.26
N GLU B 69 -12.41 -1.84 -11.13
CA GLU B 69 -11.41 -0.78 -11.07
C GLU B 69 -10.16 -1.31 -10.38
N GLN B 70 -9.09 -0.51 -10.48
CA GLN B 70 -7.79 -0.88 -9.93
C GLN B 70 -7.15 0.38 -9.37
N THR B 71 -6.73 0.30 -8.10
CA THR B 71 -6.04 1.44 -7.49
C THR B 71 -4.65 1.63 -8.11
N ASP B 72 -4.01 2.75 -7.78
CA ASP B 72 -2.70 3.06 -8.32
C ASP B 72 -1.61 2.20 -7.70
N LEU B 73 -0.63 1.82 -8.52
CA LEU B 73 0.48 1.00 -8.04
C LEU B 73 1.19 1.69 -6.89
N SER B 74 1.28 1.01 -5.74
CA SER B 74 2.11 1.49 -4.64
C SER B 74 2.85 0.31 -4.02
N PHE B 75 3.76 0.60 -3.09
CA PHE B 75 4.61 -0.43 -2.51
C PHE B 75 4.93 -0.11 -1.05
N ASN B 76 5.23 -1.14 -0.27
CA ASN B 76 5.60 -0.99 1.14
C ASN B 76 7.06 -0.65 1.28
N ARG B 77 7.52 -0.48 2.51
CA ARG B 77 8.92 -0.11 2.67
C ARG B 77 9.87 -1.24 2.29
N ASP B 78 9.42 -2.49 2.27
CA ASP B 78 10.28 -3.55 1.77
C ASP B 78 10.19 -3.70 0.25
N TRP B 79 9.51 -2.76 -0.41
CA TRP B 79 9.42 -2.57 -1.84
C TRP B 79 8.38 -3.47 -2.50
N THR B 80 7.78 -4.45 -1.79
CA THR B 80 6.70 -5.24 -2.37
C THR B 80 5.46 -4.38 -2.62
N PHE B 81 4.87 -4.53 -3.81
CA PHE B 81 3.77 -3.70 -4.28
C PHE B 81 2.45 -4.16 -3.69
N TYR B 82 1.42 -3.34 -3.91
CA TYR B 82 0.07 -3.73 -3.52
C TYR B 82 -0.94 -2.99 -4.38
N LEU B 83 -2.07 -3.64 -4.60
CA LEU B 83 -3.16 -3.08 -5.38
C LEU B 83 -4.49 -3.54 -4.81
N LEU B 84 -5.53 -2.73 -5.04
CA LEU B 84 -6.91 -3.10 -4.77
C LEU B 84 -7.68 -3.10 -6.07
N VAL B 85 -8.38 -4.20 -6.33
CA VAL B 85 -9.24 -4.32 -7.50
C VAL B 85 -10.67 -4.45 -6.98
N HIS B 86 -11.50 -3.45 -7.28
CA HIS B 86 -12.75 -3.27 -6.55
C HIS B 86 -13.84 -2.84 -7.52
N THR B 87 -14.93 -3.60 -7.56
CA THR B 87 -16.14 -3.21 -8.28
C THR B 87 -17.34 -3.34 -7.34
N GLU B 88 -18.37 -2.56 -7.62
CA GLU B 88 -19.61 -2.73 -6.90
C GLU B 88 -20.28 -4.02 -7.31
N PHE B 89 -21.03 -4.60 -6.39
CA PHE B 89 -21.78 -5.80 -6.71
C PHE B 89 -22.96 -5.90 -5.74
N THR B 90 -23.89 -6.78 -6.06
CA THR B 90 -24.95 -7.13 -5.13
C THR B 90 -24.91 -8.63 -4.89
N PRO B 91 -24.55 -9.07 -3.70
CA PRO B 91 -24.49 -10.52 -3.44
C PRO B 91 -25.85 -11.17 -3.65
N THR B 92 -25.82 -12.40 -4.13
CA THR B 92 -27.02 -13.23 -4.16
C THR B 92 -26.76 -14.49 -3.38
N VAL B 93 -27.78 -15.34 -3.27
CA VAL B 93 -27.58 -16.60 -2.55
C VAL B 93 -26.93 -17.64 -3.43
N GLU B 94 -26.78 -17.35 -4.71
CA GLU B 94 -26.43 -18.32 -5.74
C GLU B 94 -25.16 -17.97 -6.51
N ASP B 95 -24.91 -16.69 -6.82
CA ASP B 95 -23.85 -16.33 -7.74
C ASP B 95 -22.48 -16.38 -7.07
N GLU B 96 -21.52 -17.05 -7.73
CA GLU B 96 -20.18 -17.25 -7.22
C GLU B 96 -19.25 -16.15 -7.73
N TYR B 97 -18.49 -15.54 -6.82
CA TYR B 97 -17.50 -14.54 -7.21
C TYR B 97 -16.09 -15.04 -6.89
N SER B 98 -15.14 -14.51 -7.63
CA SER B 98 -13.81 -15.10 -7.71
C SER B 98 -12.83 -14.03 -8.18
N CYS B 99 -11.60 -14.12 -7.68
CA CYS B 99 -10.51 -13.29 -8.16
C CYS B 99 -9.44 -14.16 -8.80
N GLN B 100 -8.93 -13.70 -9.94
CA GLN B 100 -7.93 -14.43 -10.72
C GLN B 100 -6.78 -13.50 -11.05
N VAL B 101 -5.59 -13.86 -10.58
CA VAL B 101 -4.39 -13.07 -10.82
C VAL B 101 -3.29 -13.94 -11.43
N ASN B 102 -2.42 -13.29 -12.22
CA ASN B 102 -1.31 -13.91 -12.95
C ASN B 102 -0.02 -13.14 -12.67
N HIS B 103 1.07 -13.89 -12.50
CA HIS B 103 2.34 -13.31 -12.06
C HIS B 103 3.47 -14.31 -12.32
N THR B 104 4.65 -13.75 -12.63
CA THR B 104 5.81 -14.53 -13.03
C THR B 104 6.14 -15.64 -12.04
N THR B 105 5.80 -15.46 -10.77
CA THR B 105 6.08 -16.45 -9.73
C THR B 105 5.01 -17.53 -9.66
N LEU B 106 3.99 -17.48 -10.53
CA LEU B 106 2.86 -18.41 -10.52
C LEU B 106 2.87 -19.28 -11.76
N SER B 107 3.08 -20.59 -11.57
CA SER B 107 3.01 -21.56 -12.67
C SER B 107 1.65 -21.51 -13.35
N GLU B 108 0.61 -21.44 -12.55
CA GLU B 108 -0.78 -21.53 -12.92
C GLU B 108 -1.50 -20.32 -12.34
N PRO B 109 -2.35 -19.65 -13.14
CA PRO B 109 -3.21 -18.58 -12.61
C PRO B 109 -3.89 -18.96 -11.31
N LYS B 110 -3.65 -18.20 -10.23
CA LYS B 110 -4.22 -18.47 -8.93
C LYS B 110 -5.63 -17.91 -8.81
N VAL B 111 -6.53 -18.68 -8.19
CA VAL B 111 -7.93 -18.32 -8.03
C VAL B 111 -8.32 -18.50 -6.57
N VAL B 112 -8.93 -17.47 -5.98
CA VAL B 112 -9.56 -17.55 -4.67
C VAL B 112 -11.04 -17.22 -4.84
N LYS B 113 -11.89 -18.16 -4.46
CA LYS B 113 -13.32 -17.90 -4.42
C LYS B 113 -13.65 -17.01 -3.24
N TRP B 114 -14.76 -16.30 -3.34
CA TRP B 114 -15.21 -15.41 -2.27
C TRP B 114 -16.02 -16.18 -1.23
N ASP B 115 -15.42 -16.41 -0.05
CA ASP B 115 -16.14 -16.85 1.13
C ASP B 115 -16.56 -15.59 1.88
N ARG B 116 -17.86 -15.43 2.11
CA ARG B 116 -18.36 -14.23 2.79
C ARG B 116 -18.30 -14.35 4.30
N ASP B 117 -17.69 -15.42 4.82
CA ASP B 117 -17.27 -15.49 6.21
C ASP B 117 -15.83 -14.99 6.41
N MET B 118 -15.27 -14.30 5.42
CA MET B 118 -13.87 -13.89 5.44
C MET B 118 -13.71 -12.56 4.72
N ARG C 1 3.79 18.37 -1.91
CA ARG C 1 4.47 18.84 -3.12
C ARG C 1 5.69 17.95 -3.44
N SER C 2 6.03 17.79 -4.72
CA SER C 2 7.09 16.85 -5.05
C SER C 2 8.49 17.45 -4.90
N PHE C 3 9.48 16.57 -4.82
CA PHE C 3 10.87 16.98 -4.79
C PHE C 3 11.36 17.14 -6.22
N ILE C 4 11.75 18.35 -6.57
CA ILE C 4 12.37 18.67 -7.85
C ILE C 4 13.80 18.13 -7.82
N GLU C 5 14.09 17.10 -8.63
CA GLU C 5 15.38 16.41 -8.54
C GLU C 5 15.88 16.05 -9.93
N ASP C 6 16.94 16.72 -10.37
CA ASP C 6 17.65 16.27 -11.57
C ASP C 6 18.53 15.09 -11.19
N LEU C 7 17.86 13.98 -10.90
CA LEU C 7 18.48 12.86 -10.21
C LEU C 7 18.73 11.73 -11.18
N LEU C 8 19.98 11.59 -11.60
CA LEU C 8 20.38 10.53 -12.51
C LEU C 8 21.40 9.62 -11.85
N PHE C 9 21.41 8.35 -12.28
CA PHE C 9 22.22 7.29 -11.68
C PHE C 9 23.61 7.11 -12.27
#